data_6JP7
#
_entry.id   6JP7
#
_cell.length_a   73.658
_cell.length_b   73.658
_cell.length_c   191.249
_cell.angle_alpha   90.00
_cell.angle_beta   90.00
_cell.angle_gamma   120.00
#
_symmetry.space_group_name_H-M   'P 32 2 1'
#
loop_
_entity.id
_entity.type
_entity.pdbx_description
1 polymer 'immunoglobulin Fab heavy chain'
2 polymer 'immunoglobulin Fab light chain'
3 non-polymer 'HEXAETHYLENE GLYCOL'
4 non-polymer '(2R)-3-(cyclohexylamino)-2-hydroxypropane-1-sulfonic acid'
5 water water
#
loop_
_entity_poly.entity_id
_entity_poly.type
_entity_poly.pdbx_seq_one_letter_code
_entity_poly.pdbx_strand_id
1 'polypeptide(L)'
;QVQLQESGPGLVKPSETLSLTCTVSGGSVNTGSYYWSWIRQPPGKGLEWIAYSSVSGTSNYNPSLKSRVTLTVDTSKNQF
SLSVRSVTAADTAVYFCARLNYDILTGYYFFDFWGQGTLVIVSSASTKGPSVFPLAPSSKSASGGTAALGCLVKDYFPEP
VTVSWNSGALTSGVHTFPAVLQSSGLYSLSSVVTVPSSSSGTQTYICNVNHKPSNTKVDKRVEPKSCDKTHHHHHHHH
;
H
2 'polypeptide(L)'
;QVELTQSPSASASLGTSVKLTCTLSSGHSTYAIAWHQQRPGKGPRYLMNLSSGGRHTRGDGIPDRFSGSSSGADRYLIIS
SLQSEDEADYYCQTWDAGMVFGGGTKLTVLGQSKAAPSVTLFPPSSEELQANKATLVCLISDFYPGAVTVAWKADSSPVK
AGVETTTPSKQSNNKYAASSYLSLTPEQWKSHRSYSCQVTHEGSTVEKTVAPTECS
;
L
#
# COMPACT_ATOMS: atom_id res chain seq x y z
N GLN A 1 -7.17 -9.13 21.06
CA GLN A 1 -8.23 -8.12 21.10
C GLN A 1 -7.63 -6.71 21.17
N VAL A 2 -6.35 -6.64 21.55
CA VAL A 2 -5.65 -5.36 21.60
C VAL A 2 -5.49 -4.83 20.18
N GLN A 3 -5.92 -3.58 19.97
CA GLN A 3 -5.80 -2.90 18.68
C GLN A 3 -5.23 -1.49 18.89
N LEU A 4 -4.37 -1.07 17.97
CA LEU A 4 -3.76 0.24 18.04
C LEU A 4 -4.00 0.97 16.73
N GLN A 5 -4.20 2.29 16.80
CA GLN A 5 -4.36 3.07 15.58
C GLN A 5 -3.65 4.42 15.69
N GLU A 6 -2.81 4.71 14.69
CA GLU A 6 -2.09 5.97 14.58
C GLU A 6 -2.95 7.05 13.93
N SER A 7 -2.77 8.28 14.38
CA SER A 7 -3.31 9.46 13.71
C SER A 7 -2.26 10.55 13.72
N GLY A 8 -2.21 11.30 12.64
CA GLY A 8 -1.35 12.44 12.53
C GLY A 8 -1.47 13.05 11.15
N PRO A 9 -0.74 14.12 10.90
CA PRO A 9 -0.80 14.77 9.59
C PRO A 9 -0.10 13.93 8.55
N GLY A 10 -0.46 14.16 7.29
CA GLY A 10 0.14 13.39 6.22
C GLY A 10 1.33 14.09 5.59
N LEU A 11 1.42 15.40 5.80
CA LEU A 11 2.45 16.23 5.17
C LEU A 11 2.86 17.29 6.17
N VAL A 12 4.17 17.43 6.42
CA VAL A 12 4.70 18.50 7.27
C VAL A 12 5.88 19.14 6.56
N LYS A 13 6.19 20.40 6.97
CA LYS A 13 7.31 21.09 6.34
C LYS A 13 8.60 20.83 7.11
N PRO A 14 9.74 20.88 6.43
CA PRO A 14 11.01 20.82 7.13
C PRO A 14 11.08 21.87 8.23
N SER A 15 11.67 21.49 9.35
CA SER A 15 11.91 22.25 10.56
C SER A 15 10.67 22.33 11.46
N GLU A 16 9.50 21.86 11.03
CA GLU A 16 8.36 21.80 11.94
C GLU A 16 8.53 20.66 12.94
N THR A 17 7.62 20.62 13.91
CA THR A 17 7.55 19.56 14.90
C THR A 17 6.39 18.64 14.55
N LEU A 18 6.67 17.35 14.39
CA LEU A 18 5.67 16.34 14.06
C LEU A 18 5.06 15.78 15.32
N SER A 19 3.74 15.68 15.37
CA SER A 19 3.05 15.07 16.49
C SER A 19 2.14 13.95 16.00
N LEU A 20 2.28 12.76 16.59
CA LEU A 20 1.42 11.62 16.29
C LEU A 20 0.78 11.11 17.56
N THR A 21 -0.40 10.52 17.41
CA THR A 21 -1.12 9.96 18.55
C THR A 21 -1.57 8.55 18.22
N CYS A 22 -1.39 7.64 19.18
CA CYS A 22 -1.88 6.27 19.08
C CYS A 22 -3.06 6.14 20.01
N THR A 23 -4.14 5.53 19.52
CA THR A 23 -5.31 5.21 20.32
C THR A 23 -5.41 3.71 20.45
N VAL A 24 -5.50 3.22 21.70
CA VAL A 24 -5.52 1.80 22.00
C VAL A 24 -6.94 1.38 22.35
N SER A 25 -7.35 0.23 21.81
CA SER A 25 -8.63 -0.42 22.12
C SER A 25 -8.35 -1.82 22.63
N GLY A 26 -9.19 -2.28 23.57
CA GLY A 26 -9.09 -3.63 24.10
C GLY A 26 -7.95 -3.86 25.08
N GLY A 27 -7.34 -2.80 25.57
CA GLY A 27 -6.27 -2.84 26.56
C GLY A 27 -6.11 -1.46 27.13
N SER A 28 -5.32 -1.35 28.19
CA SER A 28 -5.18 -0.08 28.91
C SER A 28 -3.72 0.35 28.95
N VAL A 29 -3.49 1.64 28.64
CA VAL A 29 -2.16 2.23 28.69
C VAL A 29 -1.78 2.53 30.15
N ASN A 30 -2.65 2.16 31.10
CA ASN A 30 -2.38 2.39 32.51
C ASN A 30 -1.96 1.14 33.27
N THR A 31 -2.27 -0.06 32.76
CA THR A 31 -2.14 -1.31 33.51
C THR A 31 -1.33 -2.33 32.71
N GLY A 32 -0.44 -3.05 33.39
CA GLY A 32 0.19 -4.22 32.82
C GLY A 32 1.70 -4.05 32.68
N SER A 33 2.34 -5.18 32.32
CA SER A 33 3.79 -5.19 32.09
C SER A 33 4.05 -4.90 30.61
N TYR A 34 3.74 -3.67 30.22
CA TYR A 34 3.85 -3.19 28.85
C TYR A 34 4.55 -1.85 28.80
N TYR A 35 5.23 -1.60 27.69
CA TYR A 35 5.63 -0.28 27.27
C TYR A 35 4.91 0.05 25.96
N TRP A 36 4.83 1.34 25.64
CA TRP A 36 4.10 1.79 24.47
C TRP A 36 5.09 2.52 23.58
N SER A 37 5.21 2.04 22.34
CA SER A 37 6.40 2.25 21.53
C SER A 37 6.04 2.83 20.18
N TRP A 38 7.02 3.50 19.57
CA TRP A 38 6.94 4.02 18.21
C TRP A 38 8.07 3.46 17.38
N ILE A 39 7.77 3.18 16.11
CA ILE A 39 8.69 2.56 15.17
C ILE A 39 8.39 3.22 13.82
N ARG A 40 9.40 3.42 12.99
CA ARG A 40 9.08 4.00 11.68
C ARG A 40 9.78 3.23 10.57
N GLN A 41 9.34 3.51 9.35
CA GLN A 41 9.78 2.76 8.17
C GLN A 41 9.77 3.70 6.99
N PRO A 42 10.92 4.25 6.61
CA PRO A 42 10.97 5.05 5.39
C PRO A 42 10.60 4.21 4.19
N PRO A 43 9.94 4.80 3.19
CA PRO A 43 9.41 3.99 2.07
C PRO A 43 10.52 3.16 1.42
N GLY A 44 10.23 1.88 1.23
CA GLY A 44 11.20 0.95 0.68
C GLY A 44 12.30 0.50 1.62
N LYS A 45 12.25 0.85 2.90
CA LYS A 45 13.35 0.54 3.81
C LYS A 45 12.82 -0.25 5.01
N GLY A 46 13.72 -0.53 5.96
CA GLY A 46 13.37 -1.39 7.08
C GLY A 46 12.77 -0.62 8.25
N LEU A 47 12.37 -1.38 9.27
CA LEU A 47 11.84 -0.83 10.51
C LEU A 47 12.97 -0.25 11.36
N GLU A 48 12.70 0.91 11.98
CA GLU A 48 13.65 1.57 12.87
C GLU A 48 12.92 1.91 14.18
N TRP A 49 13.36 1.32 15.28
CA TRP A 49 12.76 1.65 16.58
C TRP A 49 13.08 3.10 16.96
N ILE A 50 12.08 3.81 17.51
CA ILE A 50 12.23 5.23 17.87
C ILE A 50 12.38 5.39 19.39
N ALA A 51 11.36 5.00 20.14
CA ALA A 51 11.34 5.18 21.58
C ALA A 51 10.13 4.47 22.14
N TYR A 52 10.16 4.24 23.45
CA TYR A 52 8.95 3.79 24.13
C TYR A 52 8.88 4.43 25.51
N SER A 53 7.70 4.33 26.12
CA SER A 53 7.57 4.83 27.49
C SER A 53 6.41 4.13 28.17
N SER A 54 6.34 4.33 29.48
CA SER A 54 5.28 3.80 30.32
C SER A 54 4.57 4.93 31.02
N VAL A 55 3.33 4.66 31.45
CA VAL A 55 2.61 5.67 32.24
C VAL A 55 3.43 6.08 33.45
N SER A 56 4.18 5.14 34.02
CA SER A 56 4.98 5.42 35.22
C SER A 56 6.10 6.40 34.94
N GLY A 57 6.29 6.79 33.68
CA GLY A 57 7.31 7.75 33.31
C GLY A 57 8.62 7.14 32.84
N THR A 58 8.83 5.84 33.04
CA THR A 58 9.99 5.18 32.46
C THR A 58 9.94 5.27 30.94
N SER A 59 11.03 5.70 30.33
CA SER A 59 11.12 5.81 28.89
C SER A 59 12.50 5.38 28.40
N ASN A 60 12.58 5.10 27.11
CA ASN A 60 13.83 4.62 26.51
C ASN A 60 13.82 5.07 25.05
N TYR A 61 14.99 5.43 24.53
CA TYR A 61 15.07 6.10 23.24
C TYR A 61 16.13 5.49 22.35
N ASN A 62 15.89 5.55 21.05
CA ASN A 62 16.97 5.33 20.09
C ASN A 62 17.99 6.45 20.28
N PRO A 63 19.26 6.13 20.55
CA PRO A 63 20.24 7.21 20.80
C PRO A 63 20.24 8.28 19.73
N SER A 64 20.26 7.87 18.46
CA SER A 64 20.32 8.84 17.37
C SER A 64 19.11 9.78 17.33
N LEU A 65 18.02 9.45 18.02
CA LEU A 65 16.83 10.29 18.02
C LEU A 65 16.52 10.88 19.39
N LYS A 66 17.30 10.54 20.43
CA LYS A 66 16.85 10.81 21.80
C LYS A 66 16.63 12.30 22.04
N SER A 67 17.46 13.14 21.46
CA SER A 67 17.39 14.56 21.75
C SER A 67 16.29 15.28 20.97
N ARG A 68 15.66 14.63 19.99
CA ARG A 68 14.63 15.26 19.17
C ARG A 68 13.21 14.84 19.52
N VAL A 69 13.04 13.85 20.39
CA VAL A 69 11.77 13.16 20.54
C VAL A 69 11.24 13.35 21.96
N THR A 70 9.92 13.50 22.08
CA THR A 70 9.22 13.51 23.36
C THR A 70 8.05 12.56 23.32
N LEU A 71 7.91 11.73 24.35
CA LEU A 71 6.79 10.79 24.45
C LEU A 71 5.91 11.12 25.65
N THR A 72 4.59 11.09 25.43
CA THR A 72 3.64 11.28 26.52
C THR A 72 2.61 10.16 26.49
N VAL A 73 2.08 9.81 27.65
CA VAL A 73 1.02 8.81 27.76
C VAL A 73 -0.18 9.47 28.43
N ASP A 74 -1.37 9.31 27.84
CA ASP A 74 -2.61 9.91 28.34
C ASP A 74 -3.59 8.79 28.72
N THR A 75 -3.60 8.46 30.01
CA THR A 75 -4.48 7.40 30.51
C THR A 75 -5.94 7.77 30.41
N SER A 76 -6.28 9.06 30.51
CA SER A 76 -7.68 9.45 30.46
C SER A 76 -8.33 9.08 29.13
N LYS A 77 -7.57 9.18 28.04
CA LYS A 77 -8.08 8.89 26.71
C LYS A 77 -7.57 7.56 26.15
N ASN A 78 -6.75 6.82 26.91
CA ASN A 78 -6.14 5.56 26.48
C ASN A 78 -5.30 5.76 25.23
N GLN A 79 -4.45 6.79 25.25
CA GLN A 79 -3.69 7.20 24.08
C GLN A 79 -2.25 7.44 24.49
N PHE A 80 -1.36 7.45 23.51
CA PHE A 80 -0.01 7.94 23.77
C PHE A 80 0.51 8.63 22.53
N SER A 81 1.42 9.58 22.73
CA SER A 81 1.77 10.53 21.69
C SER A 81 3.27 10.69 21.53
N LEU A 82 3.69 10.81 20.28
CA LEU A 82 5.07 11.08 19.90
C LEU A 82 5.22 12.50 19.35
N SER A 83 6.29 13.16 19.73
CA SER A 83 6.65 14.42 19.11
C SER A 83 8.08 14.30 18.62
N VAL A 84 8.33 14.77 17.40
CA VAL A 84 9.64 14.74 16.76
C VAL A 84 9.96 16.14 16.31
N ARG A 85 11.00 16.74 16.89
CA ARG A 85 11.32 18.14 16.61
C ARG A 85 12.23 18.29 15.40
N SER A 86 12.04 19.42 14.70
CA SER A 86 12.93 19.87 13.62
C SER A 86 13.09 18.80 12.54
N VAL A 87 11.96 18.43 11.93
CA VAL A 87 11.98 17.35 10.95
C VAL A 87 12.69 17.79 9.68
N THR A 88 13.27 16.81 8.97
CA THR A 88 13.79 17.00 7.63
C THR A 88 13.25 15.87 6.75
N ALA A 89 13.62 15.88 5.47
CA ALA A 89 13.17 14.84 4.56
C ALA A 89 13.61 13.45 5.04
N ALA A 90 14.68 13.37 5.83
CA ALA A 90 15.11 12.09 6.39
C ALA A 90 14.07 11.47 7.30
N ASP A 91 13.09 12.24 7.77
CA ASP A 91 12.05 11.73 8.66
C ASP A 91 10.78 11.30 7.92
N THR A 92 10.76 11.42 6.60
CA THR A 92 9.67 10.84 5.82
C THR A 92 9.58 9.34 6.05
N ALA A 93 8.40 8.84 6.44
CA ALA A 93 8.27 7.42 6.79
C ALA A 93 6.82 7.09 7.12
N VAL A 94 6.50 5.80 7.08
CA VAL A 94 5.31 5.33 7.79
C VAL A 94 5.67 5.14 9.25
N TYR A 95 4.88 5.74 10.15
CA TYR A 95 5.09 5.65 11.58
C TYR A 95 4.07 4.65 12.15
N PHE A 96 4.57 3.68 12.92
CA PHE A 96 3.77 2.66 13.60
C PHE A 96 3.84 2.86 15.10
N CYS A 97 2.71 2.72 15.78
CA CYS A 97 2.76 2.54 17.22
C CYS A 97 2.70 1.05 17.49
N ALA A 98 3.07 0.65 18.71
CA ALA A 98 3.15 -0.77 19.03
C ALA A 98 3.12 -0.95 20.54
N ARG A 99 2.62 -2.10 20.96
CA ARG A 99 2.73 -2.52 22.35
C ARG A 99 3.98 -3.37 22.52
N LEU A 100 4.87 -2.96 23.42
CA LEU A 100 6.06 -3.72 23.76
C LEU A 100 5.76 -4.54 25.02
N ASN A 101 5.78 -5.86 24.86
CA ASN A 101 5.42 -6.77 25.94
C ASN A 101 6.67 -7.30 26.62
N TYR A 102 6.70 -7.24 27.96
CA TYR A 102 7.67 -7.99 28.75
C TYR A 102 7.02 -9.31 29.15
N ASP A 103 7.60 -10.42 28.72
CA ASP A 103 7.03 -11.74 28.95
C ASP A 103 7.72 -12.41 30.14
N ILE A 104 6.98 -12.51 31.26
CA ILE A 104 7.58 -12.99 32.50
C ILE A 104 8.03 -14.44 32.38
N LEU A 105 7.38 -15.22 31.52
CA LEU A 105 7.73 -16.63 31.39
C LEU A 105 9.13 -16.83 30.84
N THR A 106 9.59 -15.91 30.00
CA THR A 106 10.88 -16.02 29.33
C THR A 106 11.88 -14.95 29.73
N GLY A 107 11.42 -13.81 30.22
CA GLY A 107 12.24 -12.63 30.37
C GLY A 107 12.44 -11.81 29.09
N TYR A 108 11.65 -12.06 28.05
CA TYR A 108 11.87 -11.49 26.72
C TYR A 108 11.04 -10.22 26.53
N TYR A 109 11.52 -9.36 25.63
CA TYR A 109 10.81 -8.16 25.24
C TYR A 109 10.50 -8.26 23.75
N PHE A 110 9.24 -8.12 23.38
CA PHE A 110 8.88 -8.17 21.96
C PHE A 110 7.57 -7.42 21.74
N PHE A 111 7.45 -6.82 20.55
CA PHE A 111 6.24 -6.08 20.18
C PHE A 111 5.21 -7.13 19.80
N ASP A 112 4.14 -7.25 20.58
CA ASP A 112 3.18 -8.30 20.24
C ASP A 112 1.93 -7.78 19.54
N PHE A 113 1.69 -6.46 19.54
CA PHE A 113 0.59 -5.87 18.78
C PHE A 113 1.08 -4.59 18.11
N TRP A 114 0.71 -4.43 16.84
CA TRP A 114 1.15 -3.31 16.01
C TRP A 114 -0.06 -2.56 15.46
N GLY A 115 0.12 -1.25 15.25
CA GLY A 115 -0.85 -0.49 14.50
C GLY A 115 -0.72 -0.72 13.00
N GLN A 116 -1.58 -0.06 12.25
CA GLN A 116 -1.55 -0.19 10.80
C GLN A 116 -0.53 0.74 10.15
N GLY A 117 -0.10 1.80 10.83
CA GLY A 117 0.87 2.76 10.31
C GLY A 117 0.19 3.97 9.69
N THR A 118 0.85 5.13 9.82
CA THR A 118 0.40 6.34 9.13
C THR A 118 1.58 6.96 8.38
N LEU A 119 1.33 7.33 7.14
CA LEU A 119 2.37 7.91 6.30
C LEU A 119 2.57 9.37 6.69
N VAL A 120 3.81 9.77 6.86
CA VAL A 120 4.17 11.17 7.07
C VAL A 120 5.21 11.54 6.03
N ILE A 121 4.85 12.48 5.15
CA ILE A 121 5.76 13.05 4.17
C ILE A 121 6.30 14.37 4.72
N VAL A 122 7.62 14.52 4.72
CA VAL A 122 8.26 15.78 5.09
C VAL A 122 8.76 16.44 3.80
N SER A 123 8.17 17.57 3.45
CA SER A 123 8.49 18.23 2.18
C SER A 123 8.12 19.71 2.27
N SER A 124 8.90 20.54 1.56
CA SER A 124 8.53 21.93 1.35
C SER A 124 7.48 22.12 0.27
N ALA A 125 7.14 21.08 -0.49
CA ALA A 125 6.10 21.20 -1.51
C ALA A 125 4.71 21.41 -0.90
N SER A 126 3.86 22.15 -1.61
CA SER A 126 2.50 22.38 -1.16
C SER A 126 1.64 21.14 -1.37
N THR A 127 0.63 20.98 -0.52
CA THR A 127 -0.42 20.00 -0.80
C THR A 127 -1.12 20.39 -2.10
N LYS A 128 -1.82 19.41 -2.68
CA LYS A 128 -2.57 19.62 -3.92
C LYS A 128 -3.68 18.58 -3.90
N GLY A 129 -4.92 19.05 -3.83
CA GLY A 129 -6.06 18.16 -3.85
C GLY A 129 -6.34 17.68 -5.26
N PRO A 130 -6.90 16.48 -5.39
CA PRO A 130 -7.16 15.92 -6.72
C PRO A 130 -8.39 16.53 -7.37
N SER A 131 -8.40 16.54 -8.70
CA SER A 131 -9.64 16.65 -9.45
C SER A 131 -10.22 15.26 -9.62
N VAL A 132 -11.55 15.13 -9.59
CA VAL A 132 -12.19 13.81 -9.67
C VAL A 132 -13.10 13.80 -10.89
N PHE A 133 -12.81 12.91 -11.85
CA PHE A 133 -13.57 12.86 -13.09
C PHE A 133 -14.22 11.48 -13.25
N PRO A 134 -15.46 11.42 -13.74
CA PRO A 134 -16.06 10.10 -13.99
C PRO A 134 -15.41 9.45 -15.20
N LEU A 135 -15.25 8.14 -15.13
CA LEU A 135 -14.71 7.32 -16.21
C LEU A 135 -15.89 6.53 -16.77
N ALA A 136 -16.28 6.85 -18.00
CA ALA A 136 -17.35 6.17 -18.68
C ALA A 136 -16.76 5.26 -19.72
N PRO A 137 -17.16 3.99 -19.77
CA PRO A 137 -16.60 3.08 -20.78
C PRO A 137 -17.15 3.39 -22.17
N SER A 138 -16.38 3.01 -23.18
CA SER A 138 -16.92 2.98 -24.54
C SER A 138 -18.01 1.91 -24.63
N SER A 139 -18.91 2.09 -25.60
CA SER A 139 -20.00 1.13 -25.76
C SER A 139 -19.45 -0.24 -26.14
N LYS A 140 -18.41 -0.29 -26.95
CA LYS A 140 -17.83 -1.58 -27.31
C LYS A 140 -17.32 -2.33 -26.09
N SER A 141 -16.65 -1.62 -25.16
CA SER A 141 -16.17 -2.27 -23.95
C SER A 141 -17.30 -2.87 -23.13
N ALA A 142 -18.49 -2.29 -23.23
CA ALA A 142 -19.64 -2.74 -22.47
C ALA A 142 -20.43 -3.83 -23.17
N SER A 143 -20.13 -4.12 -24.43
CA SER A 143 -21.01 -4.96 -25.23
C SER A 143 -20.96 -6.42 -24.81
N GLY A 144 -20.01 -6.80 -23.95
CA GLY A 144 -19.90 -8.14 -23.42
C GLY A 144 -20.82 -8.48 -22.26
N GLY A 145 -21.64 -7.56 -21.78
CA GLY A 145 -22.55 -7.85 -20.70
C GLY A 145 -22.14 -7.31 -19.35
N THR A 146 -20.85 -7.00 -19.16
CA THR A 146 -20.41 -6.22 -18.01
C THR A 146 -19.60 -5.04 -18.51
N ALA A 147 -19.47 -4.03 -17.65
CA ALA A 147 -18.77 -2.81 -18.02
C ALA A 147 -18.12 -2.22 -16.78
N ALA A 148 -17.04 -1.49 -16.97
CA ALA A 148 -16.37 -0.82 -15.87
C ALA A 148 -16.79 0.64 -15.86
N LEU A 149 -17.30 1.10 -14.72
CA LEU A 149 -17.46 2.52 -14.46
C LEU A 149 -16.36 2.95 -13.52
N GLY A 150 -15.94 4.21 -13.58
CA GLY A 150 -14.89 4.53 -12.63
C GLY A 150 -14.79 5.99 -12.27
N CYS A 151 -13.79 6.30 -11.45
CA CYS A 151 -13.39 7.67 -11.16
C CYS A 151 -11.89 7.80 -11.30
N LEU A 152 -11.48 8.86 -11.99
CA LEU A 152 -10.09 9.26 -12.16
C LEU A 152 -9.80 10.32 -11.10
N VAL A 153 -8.81 10.06 -10.26
CA VAL A 153 -8.42 10.92 -9.14
C VAL A 153 -7.08 11.53 -9.54
N LYS A 154 -7.13 12.73 -10.09
CA LYS A 154 -6.08 13.29 -10.93
C LYS A 154 -5.29 14.38 -10.20
N ASP A 155 -3.97 14.29 -10.27
CA ASP A 155 -3.03 15.37 -9.96
C ASP A 155 -3.12 15.81 -8.49
N TYR A 156 -2.69 14.92 -7.59
CA TYR A 156 -2.69 15.24 -6.18
C TYR A 156 -1.31 15.03 -5.57
N PHE A 157 -1.11 15.60 -4.38
CA PHE A 157 0.12 15.45 -3.61
C PHE A 157 -0.16 15.77 -2.15
N PRO A 158 0.33 14.95 -1.20
CA PRO A 158 1.08 13.69 -1.39
C PRO A 158 0.16 12.48 -1.39
N GLU A 159 0.73 11.27 -1.42
CA GLU A 159 -0.03 10.09 -1.06
C GLU A 159 -0.42 10.18 0.41
N PRO A 160 -1.47 9.45 0.85
CA PRO A 160 -2.38 8.61 0.08
C PRO A 160 -3.72 9.28 -0.19
N VAL A 161 -4.56 8.60 -0.96
CA VAL A 161 -5.96 8.96 -1.16
C VAL A 161 -6.81 7.73 -0.89
N THR A 162 -7.91 7.91 -0.18
CA THR A 162 -8.84 6.81 -0.01
C THR A 162 -10.00 6.96 -0.99
N VAL A 163 -10.48 5.83 -1.50
CA VAL A 163 -11.62 5.78 -2.41
C VAL A 163 -12.55 4.68 -1.95
N SER A 164 -13.82 5.00 -1.80
CA SER A 164 -14.83 3.97 -1.62
C SER A 164 -15.95 4.23 -2.63
N TRP A 165 -16.94 3.34 -2.65
CA TRP A 165 -18.07 3.48 -3.56
C TRP A 165 -19.35 3.35 -2.77
N ASN A 166 -20.27 4.30 -2.98
CA ASN A 166 -21.55 4.33 -2.26
C ASN A 166 -21.33 4.23 -0.76
N SER A 167 -20.36 5.02 -0.27
CA SER A 167 -20.02 5.13 1.14
C SER A 167 -19.68 3.77 1.77
N GLY A 168 -19.19 2.84 0.95
CA GLY A 168 -18.74 1.56 1.46
C GLY A 168 -19.72 0.42 1.30
N ALA A 169 -20.96 0.71 0.90
CA ALA A 169 -21.95 -0.33 0.68
C ALA A 169 -21.68 -1.14 -0.57
N LEU A 170 -20.89 -0.62 -1.50
CA LEU A 170 -20.57 -1.29 -2.74
C LEU A 170 -19.10 -1.69 -2.72
N THR A 171 -18.84 -3.00 -2.64
CA THR A 171 -17.46 -3.49 -2.53
C THR A 171 -17.16 -4.57 -3.56
N SER A 172 -18.15 -5.37 -3.93
CA SER A 172 -17.93 -6.44 -4.90
C SER A 172 -17.76 -5.86 -6.30
N GLY A 173 -16.69 -6.25 -6.99
CA GLY A 173 -16.37 -5.69 -8.28
C GLY A 173 -15.61 -4.38 -8.25
N VAL A 174 -15.22 -3.89 -7.07
CA VAL A 174 -14.47 -2.65 -6.93
C VAL A 174 -12.97 -2.96 -7.02
N HIS A 175 -12.26 -2.25 -7.90
CA HIS A 175 -10.80 -2.32 -7.92
C HIS A 175 -10.24 -0.92 -7.94
N THR A 176 -9.48 -0.59 -6.91
CA THR A 176 -8.77 0.69 -6.84
C THR A 176 -7.32 0.43 -7.17
N PHE A 177 -6.81 1.11 -8.20
CA PHE A 177 -5.45 0.84 -8.65
C PHE A 177 -4.42 1.68 -7.88
N PRO A 178 -3.20 1.14 -7.74
CA PRO A 178 -2.08 1.97 -7.23
C PRO A 178 -1.91 3.24 -8.06
N ALA A 179 -1.51 4.32 -7.41
CA ALA A 179 -1.29 5.58 -8.11
C ALA A 179 -0.04 5.56 -8.96
N VAL A 180 -0.06 6.35 -10.02
CA VAL A 180 1.16 6.66 -10.76
C VAL A 180 1.73 7.95 -10.20
N LEU A 181 3.05 8.02 -10.11
CA LEU A 181 3.75 9.25 -9.79
C LEU A 181 4.24 9.83 -11.11
N GLN A 182 3.70 10.97 -11.51
CA GLN A 182 4.02 11.54 -12.81
C GLN A 182 5.28 12.40 -12.74
N SER A 183 5.80 12.73 -13.93
CA SER A 183 6.96 13.62 -14.06
C SER A 183 6.76 14.95 -13.36
N SER A 184 5.51 15.41 -13.27
CA SER A 184 5.24 16.65 -12.57
C SER A 184 5.49 16.56 -11.07
N GLY A 185 5.66 15.36 -10.52
CA GLY A 185 5.67 15.17 -9.07
C GLY A 185 4.31 15.01 -8.43
N LEU A 186 3.23 15.04 -9.23
CA LEU A 186 1.87 14.80 -8.75
C LEU A 186 1.45 13.36 -9.05
N TYR A 187 0.55 12.85 -8.21
CA TYR A 187 0.01 11.50 -8.37
C TYR A 187 -1.34 11.52 -9.07
N SER A 188 -1.65 10.40 -9.72
CA SER A 188 -3.01 10.10 -10.19
C SER A 188 -3.32 8.63 -9.94
N LEU A 189 -4.58 8.34 -9.67
CA LEU A 189 -5.01 6.94 -9.58
C LEU A 189 -6.41 6.82 -10.17
N SER A 190 -6.84 5.58 -10.40
CA SER A 190 -8.16 5.28 -10.93
C SER A 190 -8.82 4.22 -10.07
N SER A 191 -10.11 4.34 -9.88
CA SER A 191 -10.87 3.31 -9.17
C SER A 191 -12.05 2.95 -10.04
N VAL A 192 -12.32 1.65 -10.22
CA VAL A 192 -13.42 1.25 -11.08
C VAL A 192 -14.28 0.22 -10.36
N VAL A 193 -15.52 0.12 -10.82
CA VAL A 193 -16.44 -0.91 -10.38
C VAL A 193 -17.04 -1.57 -11.61
N THR A 194 -17.06 -2.90 -11.60
CA THR A 194 -17.65 -3.70 -12.66
C THR A 194 -19.14 -3.86 -12.40
N VAL A 195 -19.95 -3.52 -13.39
CA VAL A 195 -21.40 -3.56 -13.23
C VAL A 195 -22.01 -4.25 -14.44
N PRO A 196 -23.21 -4.80 -14.31
CA PRO A 196 -23.89 -5.36 -15.49
C PRO A 196 -24.22 -4.29 -16.51
N SER A 197 -23.96 -4.60 -17.78
CA SER A 197 -24.33 -3.67 -18.85
C SER A 197 -25.84 -3.47 -18.93
N SER A 198 -26.62 -4.37 -18.33
CA SER A 198 -28.07 -4.49 -18.49
C SER A 198 -28.84 -3.19 -18.27
N SER A 199 -29.53 -3.09 -17.12
CA SER A 199 -30.35 -1.91 -16.84
C SER A 199 -29.46 -0.74 -16.44
N SER A 200 -28.87 -0.83 -15.24
CA SER A 200 -27.93 0.15 -14.71
C SER A 200 -28.56 1.50 -14.43
N GLY A 201 -29.54 1.92 -15.24
CA GLY A 201 -30.31 3.10 -14.90
C GLY A 201 -30.95 3.01 -13.52
N THR A 202 -31.22 1.77 -13.07
CA THR A 202 -31.78 1.50 -11.74
C THR A 202 -30.69 1.42 -10.68
N GLN A 203 -29.57 2.11 -10.89
CA GLN A 203 -28.42 1.97 -10.00
C GLN A 203 -27.73 3.30 -9.79
N THR A 204 -27.25 3.50 -8.56
CA THR A 204 -26.54 4.71 -8.15
C THR A 204 -25.08 4.35 -7.88
N TYR A 205 -24.16 5.13 -8.45
CA TYR A 205 -22.73 4.91 -8.28
C TYR A 205 -22.07 6.21 -7.87
N ILE A 206 -21.58 6.28 -6.64
CA ILE A 206 -20.94 7.47 -6.11
C ILE A 206 -19.55 7.07 -5.65
N CYS A 207 -18.54 7.69 -6.22
CA CYS A 207 -17.18 7.44 -5.77
C CYS A 207 -16.81 8.48 -4.70
N ASN A 208 -16.46 7.99 -3.50
CA ASN A 208 -16.11 8.82 -2.35
C ASN A 208 -14.61 8.90 -2.27
N VAL A 209 -14.06 10.08 -2.58
CA VAL A 209 -12.63 10.32 -2.56
C VAL A 209 -12.27 11.18 -1.36
N ASN A 210 -11.22 10.82 -0.64
CA ASN A 210 -10.74 11.61 0.49
C ASN A 210 -9.23 11.76 0.41
N HIS A 211 -8.77 13.01 0.31
CA HIS A 211 -7.36 13.36 0.37
C HIS A 211 -7.21 14.25 1.61
N LYS A 212 -6.79 13.65 2.72
CA LYS A 212 -6.75 14.35 4.01
C LYS A 212 -5.77 15.51 4.06
N PRO A 213 -4.57 15.45 3.47
CA PRO A 213 -3.67 16.62 3.57
C PRO A 213 -4.22 17.89 2.96
N SER A 214 -5.09 17.80 1.94
CA SER A 214 -5.66 19.00 1.33
C SER A 214 -7.10 19.23 1.76
N ASN A 215 -7.60 18.44 2.72
CA ASN A 215 -9.03 18.37 3.06
C ASN A 215 -9.91 18.40 1.81
N THR A 216 -9.58 17.53 0.87
CA THR A 216 -10.41 17.36 -0.33
C THR A 216 -11.27 16.13 -0.07
N LYS A 217 -12.54 16.34 0.22
CA LYS A 217 -13.45 15.22 0.48
C LYS A 217 -14.65 15.38 -0.45
N VAL A 218 -14.73 14.51 -1.46
CA VAL A 218 -15.68 14.67 -2.57
C VAL A 218 -16.44 13.37 -2.78
N ASP A 219 -17.76 13.48 -3.01
CA ASP A 219 -18.59 12.34 -3.41
C ASP A 219 -19.09 12.62 -4.81
N LYS A 220 -18.55 11.92 -5.80
CA LYS A 220 -18.78 12.21 -7.21
C LYS A 220 -19.73 11.17 -7.77
N ARG A 221 -20.86 11.64 -8.29
CA ARG A 221 -21.83 10.76 -8.91
C ARG A 221 -21.33 10.35 -10.28
N VAL A 222 -21.33 9.04 -10.54
CA VAL A 222 -20.92 8.51 -11.83
C VAL A 222 -22.16 7.97 -12.54
N GLU A 223 -22.49 8.57 -13.67
CA GLU A 223 -23.69 8.17 -14.40
C GLU A 223 -23.50 6.75 -14.94
N PRO A 224 -24.47 5.85 -14.74
CA PRO A 224 -24.38 4.52 -15.35
C PRO A 224 -24.64 4.55 -16.85
N LYS A 225 -23.71 5.15 -17.61
CA LYS A 225 -23.84 5.30 -19.05
C LYS A 225 -22.47 5.08 -19.69
N SER A 226 -22.48 4.73 -20.97
CA SER A 226 -21.24 4.71 -21.72
C SER A 226 -20.78 6.15 -21.97
N CYS A 227 -19.64 6.29 -22.64
CA CYS A 227 -19.17 7.62 -22.99
C CYS A 227 -20.02 8.28 -24.07
N ASP A 228 -20.88 7.53 -24.75
CA ASP A 228 -21.88 8.10 -25.64
C ASP A 228 -23.16 8.29 -24.84
N LYS A 229 -23.34 9.50 -24.31
CA LYS A 229 -24.47 9.79 -23.43
C LYS A 229 -25.80 9.96 -24.17
N THR A 230 -25.82 10.00 -25.50
CA THR A 230 -27.04 10.29 -26.25
C THR A 230 -27.68 9.06 -26.86
N HIS A 231 -27.22 7.86 -26.49
CA HIS A 231 -27.63 6.65 -27.17
C HIS A 231 -29.13 6.36 -26.96
N HIS A 232 -29.69 6.69 -25.80
CA HIS A 232 -31.10 6.41 -25.56
C HIS A 232 -32.03 7.37 -26.29
N HIS A 233 -31.49 8.41 -26.91
CA HIS A 233 -32.29 9.31 -27.73
C HIS A 233 -32.18 8.96 -29.20
N HIS A 234 -30.96 8.93 -29.73
CA HIS A 234 -30.72 8.69 -31.15
C HIS A 234 -30.83 7.21 -31.53
N HIS A 235 -30.57 6.31 -30.58
CA HIS A 235 -30.68 4.86 -30.75
C HIS A 235 -29.62 4.30 -31.68
N HIS A 236 -28.59 5.08 -31.96
CA HIS A 236 -27.50 4.70 -32.85
C HIS A 236 -26.62 3.66 -32.19
N HIS A 237 -25.93 2.88 -33.01
CA HIS A 237 -24.94 1.94 -32.51
C HIS A 237 -23.55 2.51 -32.75
N HIS A 238 -22.78 2.63 -31.66
CA HIS A 238 -21.42 3.17 -31.70
C HIS A 238 -20.37 2.15 -31.28
N GLN B 1 26.60 -1.84 20.51
CA GLN B 1 25.52 -2.70 20.97
C GLN B 1 25.15 -3.80 19.97
N VAL B 2 24.12 -4.57 20.27
CA VAL B 2 23.79 -5.75 19.46
C VAL B 2 23.32 -5.31 18.08
N GLU B 3 23.69 -6.07 17.05
CA GLU B 3 23.17 -5.84 15.71
C GLU B 3 22.66 -7.16 15.13
N LEU B 4 21.57 -7.08 14.37
CA LEU B 4 20.96 -8.23 13.70
C LEU B 4 21.20 -8.10 12.20
N THR B 5 21.81 -9.12 11.59
CA THR B 5 22.12 -9.12 10.15
C THR B 5 21.18 -10.08 9.44
N GLN B 6 20.36 -9.55 8.53
CA GLN B 6 19.50 -10.33 7.65
C GLN B 6 19.87 -10.04 6.19
N SER B 7 19.99 -11.09 5.39
CA SER B 7 20.07 -10.88 3.95
C SER B 7 18.75 -10.32 3.46
N PRO B 8 18.76 -9.36 2.52
CA PRO B 8 17.53 -8.65 2.17
C PRO B 8 16.53 -9.41 1.30
N SER B 9 16.87 -10.58 0.74
CA SER B 9 15.97 -11.25 -0.19
C SER B 9 16.03 -12.76 0.01
N ALA B 10 14.89 -13.41 -0.23
CA ALA B 10 14.82 -14.86 -0.35
C ALA B 10 13.67 -15.18 -1.29
N SER B 11 13.74 -16.35 -1.93
CA SER B 11 12.66 -16.79 -2.82
C SER B 11 12.58 -18.31 -2.82
N ALA B 12 11.36 -18.82 -2.96
CA ALA B 12 11.12 -20.26 -2.86
C ALA B 12 9.74 -20.56 -3.43
N SER B 13 9.49 -21.84 -3.69
CA SER B 13 8.27 -22.31 -4.35
C SER B 13 7.17 -22.67 -3.38
N LEU B 14 5.95 -22.44 -3.81
CA LEU B 14 4.77 -22.89 -3.11
C LEU B 14 4.92 -24.36 -2.73
N GLY B 15 4.49 -24.69 -1.50
CA GLY B 15 4.51 -26.06 -1.03
C GLY B 15 5.81 -26.55 -0.44
N THR B 16 6.93 -25.84 -0.63
CA THR B 16 8.20 -26.25 -0.05
C THR B 16 8.31 -25.71 1.37
N SER B 17 9.35 -26.10 2.08
CA SER B 17 9.70 -25.44 3.33
C SER B 17 10.80 -24.41 3.05
N VAL B 18 10.73 -23.28 3.75
CA VAL B 18 11.68 -22.19 3.60
C VAL B 18 12.31 -21.92 4.95
N LYS B 19 13.60 -21.65 4.96
CA LYS B 19 14.33 -21.25 6.16
C LYS B 19 14.95 -19.88 5.95
N LEU B 20 14.55 -18.91 6.77
CA LEU B 20 15.12 -17.57 6.77
C LEU B 20 16.10 -17.43 7.95
N THR B 21 17.16 -16.63 7.75
CA THR B 21 18.26 -16.56 8.71
C THR B 21 18.42 -15.13 9.22
N CYS B 22 18.67 -15.02 10.53
CA CYS B 22 19.06 -13.78 11.21
C CYS B 22 20.36 -14.07 11.95
N THR B 23 21.37 -13.19 11.84
CA THR B 23 22.66 -13.45 12.47
C THR B 23 22.93 -12.40 13.56
N LEU B 24 23.23 -12.87 14.76
CA LEU B 24 23.59 -11.97 15.86
C LEU B 24 25.05 -11.53 15.78
N SER B 25 25.28 -10.30 16.20
CA SER B 25 26.61 -9.70 16.19
C SER B 25 27.56 -10.40 17.16
N SER B 26 28.84 -10.10 16.99
CA SER B 26 29.89 -10.67 17.83
C SER B 26 29.65 -10.33 19.30
N GLY B 27 29.72 -11.34 20.16
CA GLY B 27 29.49 -11.15 21.57
C GLY B 27 28.05 -11.30 22.01
N HIS B 28 27.12 -11.51 21.08
CA HIS B 28 25.69 -11.58 21.41
C HIS B 28 25.07 -12.89 20.95
N SER B 29 25.88 -13.92 20.76
CA SER B 29 25.35 -15.18 20.25
C SER B 29 24.44 -15.90 21.24
N THR B 30 24.34 -15.44 22.49
CA THR B 30 23.43 -16.04 23.44
C THR B 30 22.04 -15.42 23.41
N TYR B 31 21.79 -14.46 22.52
CA TYR B 31 20.60 -13.64 22.61
C TYR B 31 19.41 -14.37 22.00
N ALA B 32 18.24 -14.14 22.61
CA ALA B 32 16.95 -14.53 22.08
C ALA B 32 16.45 -13.47 21.12
N ILE B 33 15.51 -13.85 20.25
CA ILE B 33 14.93 -12.91 19.29
C ILE B 33 13.43 -13.14 19.19
N ALA B 34 12.78 -12.22 18.47
CA ALA B 34 11.42 -12.39 17.99
C ALA B 34 11.42 -12.21 16.47
N TRP B 35 10.46 -12.85 15.81
CA TRP B 35 10.20 -12.71 14.38
C TRP B 35 8.88 -11.98 14.16
N HIS B 36 8.87 -11.08 13.18
CA HIS B 36 7.71 -10.32 12.78
C HIS B 36 7.53 -10.43 11.27
N GLN B 37 6.27 -10.48 10.82
CA GLN B 37 5.93 -10.58 9.40
C GLN B 37 5.21 -9.31 8.98
N GLN B 38 5.55 -8.79 7.80
CA GLN B 38 4.91 -7.59 7.30
C GLN B 38 4.47 -7.83 5.86
N ARG B 39 3.17 -8.05 5.68
CA ARG B 39 2.58 -8.18 4.37
C ARG B 39 2.55 -6.82 3.67
N PRO B 40 2.45 -6.80 2.34
CA PRO B 40 2.50 -5.53 1.61
C PRO B 40 1.41 -4.58 2.04
N GLY B 41 1.80 -3.33 2.31
CA GLY B 41 0.88 -2.30 2.77
C GLY B 41 0.26 -2.51 4.13
N LYS B 42 0.82 -3.38 4.97
CA LYS B 42 0.26 -3.62 6.30
C LYS B 42 1.27 -3.27 7.38
N GLY B 43 0.78 -3.17 8.61
CA GLY B 43 1.65 -3.14 9.75
C GLY B 43 2.18 -4.53 10.03
N PRO B 44 3.33 -4.62 10.73
CA PRO B 44 3.87 -5.95 11.04
C PRO B 44 2.94 -6.76 11.95
N ARG B 45 3.19 -8.06 11.96
CA ARG B 45 2.49 -9.03 12.80
C ARG B 45 3.52 -9.84 13.57
N TYR B 46 3.43 -9.86 14.90
CA TYR B 46 4.34 -10.68 15.70
C TYR B 46 4.08 -12.17 15.44
N LEU B 47 5.16 -12.90 15.13
CA LEU B 47 5.07 -14.34 14.84
C LEU B 47 5.42 -15.23 16.03
N MET B 48 6.56 -14.98 16.67
CA MET B 48 7.07 -15.89 17.70
C MET B 48 8.30 -15.28 18.34
N ASN B 49 8.63 -15.77 19.53
CA ASN B 49 9.95 -15.54 20.09
C ASN B 49 10.74 -16.85 20.07
N LEU B 50 12.06 -16.74 20.26
CA LEU B 50 12.99 -17.83 19.93
C LEU B 50 14.25 -17.69 20.79
N SER B 51 14.54 -18.71 21.61
CA SER B 51 15.75 -18.69 22.44
C SER B 51 16.99 -19.02 21.60
N SER B 52 18.16 -18.73 22.18
CA SER B 52 19.41 -19.13 21.56
C SER B 52 19.55 -20.66 21.47
N GLY B 53 18.87 -21.40 22.33
CA GLY B 53 18.87 -22.85 22.20
C GLY B 53 17.89 -23.40 21.20
N GLY B 54 17.11 -22.52 20.55
CA GLY B 54 16.21 -22.95 19.51
C GLY B 54 14.79 -23.24 19.95
N ARG B 55 14.42 -22.90 21.18
CA ARG B 55 13.04 -23.08 21.62
C ARG B 55 12.21 -21.87 21.20
N HIS B 56 11.12 -22.12 20.48
CA HIS B 56 10.29 -21.06 19.96
C HIS B 56 8.91 -21.11 20.60
N THR B 57 8.27 -19.95 20.70
CA THR B 57 6.90 -19.87 21.20
C THR B 57 6.10 -18.98 20.27
N ARG B 58 5.09 -19.53 19.61
CA ARG B 58 4.33 -18.76 18.63
C ARG B 58 3.41 -17.75 19.31
N GLY B 59 3.14 -16.66 18.60
CA GLY B 59 2.12 -15.74 19.04
C GLY B 59 0.73 -16.31 18.85
N ASP B 60 -0.25 -15.60 19.41
CA ASP B 60 -1.62 -16.08 19.35
C ASP B 60 -2.16 -15.96 17.93
N GLY B 61 -2.74 -17.03 17.42
CA GLY B 61 -3.29 -17.04 16.09
C GLY B 61 -2.31 -17.31 14.98
N ILE B 62 -1.05 -17.63 15.29
CA ILE B 62 -0.04 -17.86 14.27
C ILE B 62 -0.11 -19.33 13.88
N PRO B 63 -0.23 -19.65 12.58
CA PRO B 63 -0.30 -21.05 12.15
C PRO B 63 0.90 -21.89 12.58
N ASP B 64 0.65 -23.18 12.78
CA ASP B 64 1.72 -24.04 13.22
C ASP B 64 2.71 -24.38 12.11
N ARG B 65 2.52 -23.91 10.88
CA ARG B 65 3.60 -24.12 9.93
C ARG B 65 4.77 -23.17 10.14
N PHE B 66 4.63 -22.14 10.98
CA PHE B 66 5.74 -21.27 11.35
C PHE B 66 6.44 -21.85 12.58
N SER B 67 7.74 -22.11 12.46
CA SER B 67 8.55 -22.54 13.61
C SER B 67 9.88 -21.83 13.56
N GLY B 68 10.68 -21.99 14.63
CA GLY B 68 11.99 -21.39 14.71
C GLY B 68 13.02 -22.37 15.22
N SER B 69 14.29 -22.07 14.92
CA SER B 69 15.40 -22.90 15.40
C SER B 69 16.65 -22.01 15.48
N SER B 70 17.75 -22.58 15.97
CA SER B 70 18.97 -21.80 16.21
C SER B 70 20.21 -22.64 15.98
N SER B 71 21.30 -21.98 15.62
CA SER B 71 22.60 -22.64 15.50
C SER B 71 23.69 -21.59 15.71
N GLY B 72 24.42 -21.69 16.83
CA GLY B 72 25.37 -20.65 17.16
C GLY B 72 24.72 -19.27 17.17
N ALA B 73 25.33 -18.32 16.47
CA ALA B 73 24.80 -16.96 16.38
C ALA B 73 23.63 -16.83 15.41
N ASP B 74 23.28 -17.87 14.67
CA ASP B 74 22.21 -17.76 13.68
C ASP B 74 20.86 -18.18 14.27
N ARG B 75 19.83 -17.42 13.92
CA ARG B 75 18.46 -17.68 14.33
C ARG B 75 17.62 -17.91 13.08
N TYR B 76 16.75 -18.94 13.11
CA TYR B 76 16.00 -19.36 11.92
C TYR B 76 14.49 -19.22 12.10
N LEU B 77 13.84 -18.76 11.05
CA LEU B 77 12.40 -18.87 10.86
C LEU B 77 12.17 -19.90 9.79
N ILE B 78 11.38 -20.91 10.10
CA ILE B 78 11.11 -22.03 9.20
C ILE B 78 9.63 -22.00 8.88
N ILE B 79 9.31 -21.86 7.60
CA ILE B 79 7.94 -21.93 7.12
C ILE B 79 7.80 -23.27 6.41
N SER B 80 7.00 -24.16 6.99
CA SER B 80 7.06 -25.56 6.54
CA SER B 80 6.73 -25.45 6.43
C SER B 80 6.46 -25.82 5.15
C SER B 80 5.56 -25.21 5.48
N SER B 81 5.28 -25.27 4.83
N SER B 81 5.66 -25.78 4.28
CA SER B 81 4.60 -25.56 3.56
CA SER B 81 4.58 -25.68 3.29
C SER B 81 4.20 -24.22 2.98
N LEU B 82 5.10 -23.61 2.20
CA LEU B 82 4.93 -22.22 1.79
C LEU B 82 3.60 -21.97 1.09
N GLN B 83 2.89 -20.93 1.54
CA GLN B 83 1.62 -20.50 0.96
C GLN B 83 1.78 -19.12 0.33
N SER B 84 0.84 -18.78 -0.55
CA SER B 84 0.95 -17.51 -1.26
C SER B 84 0.87 -16.33 -0.30
N GLU B 85 0.08 -16.44 0.76
CA GLU B 85 -0.03 -15.34 1.72
C GLU B 85 1.22 -15.20 2.60
N ASP B 86 2.21 -16.07 2.46
CA ASP B 86 3.48 -15.91 3.16
C ASP B 86 4.43 -14.95 2.47
N GLU B 87 4.07 -14.43 1.29
CA GLU B 87 4.89 -13.46 0.60
C GLU B 87 4.87 -12.14 1.36
N ALA B 88 6.03 -11.73 1.87
CA ALA B 88 6.06 -10.73 2.93
C ALA B 88 7.52 -10.41 3.25
N ASP B 89 7.69 -9.36 4.05
CA ASP B 89 9.00 -9.01 4.59
C ASP B 89 9.05 -9.52 6.02
N TYR B 90 10.16 -10.14 6.40
CA TYR B 90 10.31 -10.75 7.72
C TYR B 90 11.46 -10.07 8.45
N TYR B 91 11.16 -9.60 9.67
CA TYR B 91 12.12 -8.84 10.48
C TYR B 91 12.39 -9.63 11.76
N CYS B 92 13.66 -9.83 12.06
CA CYS B 92 14.01 -10.27 13.42
C CYS B 92 14.17 -9.04 14.32
N GLN B 93 14.06 -9.28 15.62
CA GLN B 93 13.98 -8.20 16.59
C GLN B 93 14.58 -8.70 17.88
N THR B 94 15.35 -7.86 18.57
CA THR B 94 15.87 -8.26 19.88
C THR B 94 15.89 -7.01 20.76
N TRP B 95 16.62 -7.08 21.88
CA TRP B 95 16.66 -5.99 22.84
C TRP B 95 18.01 -5.99 23.52
N ASP B 96 18.47 -4.79 23.88
CA ASP B 96 19.75 -4.65 24.59
C ASP B 96 19.61 -3.37 25.41
N ALA B 97 20.43 -2.35 25.14
CA ALA B 97 20.17 -1.04 25.75
C ALA B 97 18.81 -0.52 25.30
N GLY B 98 18.44 -0.78 24.05
CA GLY B 98 17.13 -0.42 23.53
C GLY B 98 16.56 -1.56 22.69
N MET B 99 15.56 -1.29 21.85
CA MET B 99 15.00 -2.31 20.97
C MET B 99 15.71 -2.27 19.64
N VAL B 100 15.94 -3.44 19.03
CA VAL B 100 16.78 -3.56 17.85
C VAL B 100 16.05 -4.36 16.78
N PHE B 101 16.14 -3.92 15.52
CA PHE B 101 15.59 -4.70 14.40
C PHE B 101 16.70 -5.08 13.43
N GLY B 102 16.54 -6.26 12.81
CA GLY B 102 17.28 -6.57 11.60
C GLY B 102 16.76 -5.75 10.43
N GLY B 103 17.52 -5.77 9.34
CA GLY B 103 17.16 -4.99 8.14
C GLY B 103 15.99 -5.55 7.35
N GLY B 104 15.54 -6.76 7.66
CA GLY B 104 14.40 -7.40 7.00
C GLY B 104 14.83 -8.28 5.83
N THR B 105 14.03 -9.31 5.58
CA THR B 105 14.21 -10.16 4.39
C THR B 105 12.91 -10.20 3.61
N LYS B 106 12.95 -9.79 2.34
CA LYS B 106 11.76 -9.86 1.50
C LYS B 106 11.66 -11.25 0.89
N LEU B 107 10.61 -11.99 1.25
CA LEU B 107 10.42 -13.35 0.73
C LEU B 107 9.47 -13.29 -0.45
N THR B 108 9.95 -13.71 -1.64
CA THR B 108 9.13 -13.83 -2.84
C THR B 108 8.69 -15.28 -3.00
N VAL B 109 7.39 -15.50 -3.11
CA VAL B 109 6.82 -16.83 -3.27
C VAL B 109 6.59 -17.11 -4.74
N LEU B 110 7.15 -18.21 -5.23
CA LEU B 110 7.11 -18.54 -6.65
C LEU B 110 6.19 -19.73 -6.90
N GLY B 111 5.84 -19.93 -8.17
CA GLY B 111 5.11 -21.13 -8.58
C GLY B 111 3.66 -20.92 -9.00
N GLN B 112 3.07 -19.76 -8.79
CA GLN B 112 1.69 -19.56 -9.20
C GLN B 112 1.58 -19.60 -10.73
N SER B 113 0.37 -19.88 -11.22
CA SER B 113 0.18 -20.01 -12.67
C SER B 113 0.43 -18.68 -13.37
N LYS B 114 1.00 -18.77 -14.57
CA LYS B 114 1.09 -17.61 -15.45
C LYS B 114 -0.32 -17.15 -15.85
N ALA B 115 -0.45 -15.87 -16.13
CA ALA B 115 -1.75 -15.32 -16.51
C ALA B 115 -1.56 -14.08 -17.35
N ALA B 116 -2.20 -14.04 -18.52
CA ALA B 116 -2.11 -12.90 -19.41
C ALA B 116 -2.90 -11.72 -18.84
N PRO B 117 -2.51 -10.49 -19.17
CA PRO B 117 -3.24 -9.33 -18.63
C PRO B 117 -4.59 -9.10 -19.30
N SER B 118 -5.50 -8.56 -18.51
CA SER B 118 -6.74 -7.97 -18.98
C SER B 118 -6.56 -6.46 -19.08
N VAL B 119 -7.09 -5.85 -20.15
CA VAL B 119 -6.86 -4.45 -20.46
C VAL B 119 -8.21 -3.74 -20.60
N THR B 120 -8.35 -2.63 -19.88
CA THR B 120 -9.51 -1.75 -19.98
C THR B 120 -9.00 -0.36 -20.35
N LEU B 121 -9.56 0.22 -21.41
CA LEU B 121 -9.12 1.52 -21.90
C LEU B 121 -10.28 2.50 -21.88
N PHE B 122 -10.09 3.67 -21.23
CA PHE B 122 -11.15 4.67 -21.08
C PHE B 122 -10.85 5.92 -21.90
N PRO B 123 -11.83 6.46 -22.62
CA PRO B 123 -11.64 7.76 -23.26
C PRO B 123 -11.71 8.88 -22.22
N PRO B 124 -11.28 10.09 -22.56
CA PRO B 124 -11.41 11.21 -21.62
C PRO B 124 -12.88 11.48 -21.29
N SER B 125 -13.13 11.92 -20.07
CA SER B 125 -14.49 12.30 -19.71
C SER B 125 -14.82 13.67 -20.30
N SER B 126 -16.12 13.88 -20.54
CA SER B 126 -16.58 15.20 -20.99
C SER B 126 -16.22 16.27 -19.98
N GLU B 127 -16.32 15.94 -18.69
CA GLU B 127 -15.97 16.89 -17.63
C GLU B 127 -14.54 17.38 -17.77
N GLU B 128 -13.60 16.45 -17.96
CA GLU B 128 -12.20 16.85 -18.09
C GLU B 128 -11.99 17.64 -19.37
N LEU B 129 -12.64 17.23 -20.45
CA LEU B 129 -12.56 17.95 -21.72
C LEU B 129 -13.03 19.40 -21.56
N GLN B 130 -14.14 19.59 -20.84
CA GLN B 130 -14.63 20.94 -20.59
C GLN B 130 -13.62 21.79 -19.83
N ALA B 131 -12.85 21.17 -18.93
CA ALA B 131 -11.74 21.81 -18.26
C ALA B 131 -10.50 21.92 -19.16
N ASN B 132 -10.66 21.68 -20.45
CA ASN B 132 -9.60 21.86 -21.44
C ASN B 132 -8.41 20.94 -21.20
N LYS B 133 -8.69 19.72 -20.77
CA LYS B 133 -7.66 18.70 -20.61
C LYS B 133 -8.23 17.37 -21.10
N ALA B 134 -7.36 16.38 -21.23
CA ALA B 134 -7.76 15.07 -21.74
C ALA B 134 -6.77 14.05 -21.24
N THR B 135 -7.27 12.97 -20.64
CA THR B 135 -6.44 11.87 -20.16
C THR B 135 -7.07 10.57 -20.60
N LEU B 136 -6.32 9.78 -21.37
CA LEU B 136 -6.70 8.39 -21.64
C LEU B 136 -6.17 7.50 -20.52
N VAL B 137 -6.97 6.54 -20.10
CA VAL B 137 -6.67 5.74 -18.91
C VAL B 137 -6.70 4.26 -19.32
N CYS B 138 -5.54 3.62 -19.27
CA CYS B 138 -5.39 2.21 -19.63
C CYS B 138 -5.09 1.40 -18.36
N LEU B 139 -6.01 0.53 -17.97
CA LEU B 139 -5.88 -0.24 -16.74
C LEU B 139 -5.56 -1.69 -17.06
N ILE B 140 -4.54 -2.24 -16.41
CA ILE B 140 -3.98 -3.56 -16.75
C ILE B 140 -4.01 -4.42 -15.51
N SER B 141 -4.70 -5.57 -15.59
CA SER B 141 -4.96 -6.30 -14.36
C SER B 141 -4.80 -7.80 -14.55
N ASP B 142 -4.65 -8.49 -13.41
CA ASP B 142 -4.76 -9.94 -13.30
C ASP B 142 -3.66 -10.67 -14.09
N PHE B 143 -2.45 -10.12 -14.13
CA PHE B 143 -1.40 -10.82 -14.87
C PHE B 143 -0.31 -11.35 -13.96
N TYR B 144 0.38 -12.40 -14.45
CA TYR B 144 1.55 -12.95 -13.75
C TYR B 144 2.42 -13.64 -14.80
N PRO B 145 3.74 -13.40 -14.81
CA PRO B 145 4.57 -12.60 -13.90
C PRO B 145 4.39 -11.09 -14.06
N GLY B 146 5.08 -10.29 -13.24
CA GLY B 146 4.75 -8.87 -13.17
C GLY B 146 5.47 -7.90 -14.07
N ALA B 147 5.93 -8.32 -15.25
CA ALA B 147 6.62 -7.43 -16.15
C ALA B 147 5.77 -7.24 -17.40
N VAL B 148 5.47 -5.99 -17.74
CA VAL B 148 4.78 -5.62 -18.96
C VAL B 148 5.49 -4.42 -19.55
N THR B 149 5.30 -4.22 -20.84
CA THR B 149 5.60 -2.95 -21.47
C THR B 149 4.33 -2.42 -22.13
N VAL B 150 4.13 -1.12 -22.05
CA VAL B 150 2.95 -0.48 -22.59
C VAL B 150 3.37 0.42 -23.72
N ALA B 151 2.65 0.37 -24.82
CA ALA B 151 2.88 1.24 -25.95
C ALA B 151 1.56 1.89 -26.34
N TRP B 152 1.59 3.18 -26.63
CA TRP B 152 0.43 3.93 -27.06
C TRP B 152 0.54 4.27 -28.53
N LYS B 153 -0.60 4.32 -29.22
CA LYS B 153 -0.62 4.71 -30.62
C LYS B 153 -1.69 5.77 -30.86
N ALA B 154 -1.35 6.78 -31.65
CA ALA B 154 -2.33 7.70 -32.22
C ALA B 154 -2.56 7.25 -33.66
N ASP B 155 -3.78 6.80 -33.94
CA ASP B 155 -4.06 6.06 -35.16
C ASP B 155 -3.10 4.87 -35.23
N SER B 156 -2.05 4.97 -36.04
CA SER B 156 -1.03 3.92 -36.14
C SER B 156 0.38 4.39 -35.79
N SER B 157 0.55 5.64 -35.41
CA SER B 157 1.84 6.19 -35.03
C SER B 157 2.09 6.02 -33.54
N PRO B 158 3.30 5.60 -33.17
CA PRO B 158 3.64 5.51 -31.76
C PRO B 158 3.59 6.88 -31.10
N VAL B 159 3.12 6.89 -29.85
CA VAL B 159 3.08 8.10 -29.01
C VAL B 159 3.94 7.85 -27.79
N LYS B 160 4.94 8.71 -27.58
CA LYS B 160 5.83 8.62 -26.42
C LYS B 160 5.66 9.75 -25.43
N ALA B 161 5.41 10.97 -25.92
CA ALA B 161 5.20 12.10 -25.01
C ALA B 161 3.86 11.98 -24.32
N GLY B 162 3.81 12.44 -23.06
CA GLY B 162 2.59 12.43 -22.27
C GLY B 162 2.22 11.11 -21.65
N VAL B 163 3.10 10.09 -21.69
CA VAL B 163 2.79 8.76 -21.19
C VAL B 163 3.37 8.60 -19.78
N GLU B 164 2.52 8.20 -18.82
CA GLU B 164 2.99 7.86 -17.47
C GLU B 164 2.45 6.49 -17.09
N THR B 165 3.34 5.60 -16.65
CA THR B 165 3.01 4.20 -16.44
C THR B 165 3.56 3.75 -15.09
N THR B 166 2.75 3.01 -14.34
CA THR B 166 3.16 2.51 -13.03
C THR B 166 4.09 1.30 -13.16
N THR B 167 4.82 1.04 -12.08
CA THR B 167 5.48 -0.25 -11.92
C THR B 167 4.47 -1.25 -11.37
N PRO B 168 4.36 -2.45 -11.95
CA PRO B 168 3.32 -3.37 -11.52
C PRO B 168 3.51 -3.76 -10.06
N SER B 169 2.40 -3.90 -9.35
CA SER B 169 2.43 -4.42 -7.98
C SER B 169 1.29 -5.41 -7.82
N LYS B 170 1.46 -6.34 -6.87
CA LYS B 170 0.46 -7.37 -6.66
C LYS B 170 -0.76 -6.85 -5.91
N GLN B 171 -1.92 -7.38 -6.27
CA GLN B 171 -3.19 -6.98 -5.70
C GLN B 171 -3.72 -8.08 -4.78
N SER B 172 -4.94 -7.84 -4.27
CA SER B 172 -5.55 -8.72 -3.28
C SER B 172 -5.69 -10.14 -3.80
N ASN B 173 -5.86 -10.31 -5.11
CA ASN B 173 -6.04 -11.63 -5.70
C ASN B 173 -4.72 -12.31 -6.05
N ASN B 174 -3.59 -11.76 -5.60
CA ASN B 174 -2.25 -12.30 -5.78
C ASN B 174 -1.75 -12.18 -7.22
N LYS B 175 -2.38 -11.35 -8.04
CA LYS B 175 -1.93 -11.07 -9.41
C LYS B 175 -1.55 -9.60 -9.55
N TYR B 176 -0.70 -9.33 -10.54
CA TYR B 176 -0.19 -7.98 -10.75
C TYR B 176 -1.21 -7.08 -11.44
N ALA B 177 -1.13 -5.79 -11.12
CA ALA B 177 -1.90 -4.77 -11.82
C ALA B 177 -1.00 -3.58 -12.09
N ALA B 178 -1.34 -2.82 -13.14
CA ALA B 178 -0.58 -1.63 -13.53
C ALA B 178 -1.53 -0.70 -14.27
N SER B 179 -1.12 0.57 -14.40
CA SER B 179 -1.90 1.63 -15.03
C SER B 179 -0.99 2.42 -15.96
N SER B 180 -1.54 2.88 -17.07
CA SER B 180 -0.84 3.82 -17.92
C SER B 180 -1.79 4.95 -18.31
N TYR B 181 -1.26 6.16 -18.29
CA TYR B 181 -2.01 7.39 -18.54
C TYR B 181 -1.38 8.14 -19.69
N LEU B 182 -2.21 8.52 -20.67
CA LEU B 182 -1.78 9.33 -21.79
C LEU B 182 -2.45 10.69 -21.70
N SER B 183 -1.65 11.74 -21.57
CA SER B 183 -2.16 13.12 -21.46
C SER B 183 -2.14 13.76 -22.84
N LEU B 184 -3.29 14.28 -23.25
CA LEU B 184 -3.48 14.94 -24.54
C LEU B 184 -4.17 16.28 -24.33
N THR B 185 -4.07 17.13 -25.35
CA THR B 185 -5.00 18.24 -25.42
C THR B 185 -6.32 17.74 -25.99
N PRO B 186 -7.43 18.41 -25.70
CA PRO B 186 -8.70 18.00 -26.34
C PRO B 186 -8.63 18.08 -27.85
N GLU B 187 -7.80 18.99 -28.37
CA GLU B 187 -7.59 19.09 -29.81
C GLU B 187 -6.94 17.83 -30.36
N GLN B 188 -5.87 17.37 -29.70
CA GLN B 188 -5.24 16.12 -30.12
C GLN B 188 -6.22 14.96 -30.07
N TRP B 189 -7.02 14.88 -29.01
CA TRP B 189 -7.98 13.78 -28.87
C TRP B 189 -8.98 13.80 -30.02
N LYS B 190 -9.50 14.97 -30.38
CA LYS B 190 -10.48 15.05 -31.45
C LYS B 190 -9.86 15.09 -32.84
N SER B 191 -8.53 15.18 -32.94
CA SER B 191 -7.85 15.31 -34.23
C SER B 191 -7.57 13.97 -34.90
N HIS B 192 -7.60 12.86 -34.17
CA HIS B 192 -7.22 11.56 -34.69
C HIS B 192 -8.43 10.64 -34.76
N ARG B 193 -8.32 9.61 -35.61
CA ARG B 193 -9.42 8.65 -35.72
C ARG B 193 -9.53 7.75 -34.49
N SER B 194 -8.41 7.40 -33.88
CA SER B 194 -8.43 6.51 -32.73
C SER B 194 -7.12 6.61 -31.96
N TYR B 195 -7.16 6.10 -30.72
CA TYR B 195 -5.99 5.90 -29.88
C TYR B 195 -6.02 4.48 -29.33
N SER B 196 -4.84 3.89 -29.15
CA SER B 196 -4.70 2.50 -28.75
C SER B 196 -3.72 2.36 -27.60
N CYS B 197 -4.05 1.48 -26.68
CA CYS B 197 -3.17 1.03 -25.61
C CYS B 197 -2.80 -0.42 -25.90
N GLN B 198 -1.50 -0.69 -26.07
CA GLN B 198 -1.01 -2.03 -26.41
C GLN B 198 -0.08 -2.54 -25.31
N VAL B 199 -0.41 -3.70 -24.74
CA VAL B 199 0.28 -4.25 -23.58
C VAL B 199 0.96 -5.54 -23.99
N THR B 200 2.29 -5.62 -23.81
CA THR B 200 3.05 -6.83 -24.12
C THR B 200 3.47 -7.51 -22.82
N HIS B 201 3.19 -8.81 -22.74
CA HIS B 201 3.41 -9.62 -21.54
C HIS B 201 3.91 -10.98 -22.01
N GLU B 202 5.14 -11.33 -21.63
CA GLU B 202 5.73 -12.62 -22.00
C GLU B 202 5.67 -12.85 -23.50
N GLY B 203 6.06 -11.85 -24.27
CA GLY B 203 6.09 -11.97 -25.72
C GLY B 203 4.76 -11.88 -26.43
N SER B 204 3.64 -11.85 -25.70
CA SER B 204 2.30 -11.77 -26.29
C SER B 204 1.65 -10.42 -25.98
N THR B 205 0.80 -9.96 -26.90
CA THR B 205 0.31 -8.59 -26.88
C THR B 205 -1.22 -8.56 -26.86
N VAL B 206 -1.77 -7.59 -26.12
CA VAL B 206 -3.20 -7.32 -26.07
C VAL B 206 -3.38 -5.82 -26.31
N GLU B 207 -4.31 -5.44 -27.16
CA GLU B 207 -4.53 -4.04 -27.50
C GLU B 207 -6.01 -3.64 -27.34
N LYS B 208 -6.25 -2.47 -26.76
CA LYS B 208 -7.58 -1.87 -26.77
C LYS B 208 -7.51 -0.52 -27.46
N THR B 209 -8.64 -0.09 -28.01
CA THR B 209 -8.70 1.11 -28.83
C THR B 209 -9.96 1.89 -28.51
N VAL B 210 -9.83 3.22 -28.40
CA VAL B 210 -10.96 4.12 -28.25
C VAL B 210 -10.85 5.24 -29.28
N ALA B 211 -11.99 5.85 -29.56
CA ALA B 211 -12.08 6.84 -30.64
C ALA B 211 -13.04 7.95 -30.24
N PRO B 212 -12.72 9.20 -30.56
CA PRO B 212 -13.65 10.29 -30.23
C PRO B 212 -15.02 10.15 -30.88
N THR B 213 -15.13 9.46 -32.02
CA THR B 213 -16.43 9.21 -32.62
C THR B 213 -17.25 8.17 -31.87
N GLU B 214 -16.65 7.42 -30.94
CA GLU B 214 -17.44 6.52 -30.08
C GLU B 214 -18.18 7.28 -28.98
N CYS B 215 -17.80 8.51 -28.67
CA CYS B 215 -18.42 9.22 -27.57
C CYS B 215 -19.15 10.46 -28.07
N SER B 216 -20.10 10.92 -27.26
CA SER B 216 -20.95 12.04 -27.62
C SER B 216 -21.75 12.52 -26.42
#